data_2TDM
#
_entry.id   2TDM
#
_cell.length_a   78.600
_cell.length_b   78.600
_cell.length_c   240.200
_cell.angle_alpha   90.00
_cell.angle_beta   90.00
_cell.angle_gamma   120.00
#
_symmetry.space_group_name_H-M   'P 61 2 2'
#
loop_
_entity.id
_entity.type
_entity.pdbx_description
1 polymer 'THYMIDYLATE SYNTHASE'
2 non-polymer "2'-DEOXYURIDINE 5'-MONOPHOSPHATE"
3 water water
#
_entity_poly.entity_id   1
_entity_poly.type   'polypeptide(L)'
_entity_poly.pdbx_seq_one_letter_code
;MLEQPYLDLAKKVLDEGHFKPDRTHTGTYSIFGHQMRFDLSKGFPLLTTKKVPFGLIKSELLWFLHGDTNIRFLLQHRNH
IWDEWAFEKWVKSDEYHGPDMTDFGHRSQKDPEFAAVYHEEMAKFDDRVLHDDAFAAKYGDLGLVYGSQWRAWHTSKGDT
IDQLGDVIEQIKTHPYSRRLIVSAWNPEDVPTMALPPCHTLYQFYVNDGKLSLQLYQRSADIFLGVPFNIASYALLTHLV
AHECGLEVGEFIHTFGDAHLYVNHLDQIKEQLSRTPRPAPTLQLNPDKHDIFDFDMKDIKLLNYDPYPAIKAPVAV
;
_entity_poly.pdbx_strand_id   A
#
loop_
_chem_comp.id
_chem_comp.type
_chem_comp.name
_chem_comp.formula
UMP non-polymer '2'-DEOXYURIDINE 5'-MONOPHOSPHATE' 'C9 H13 N2 O8 P'
#
# COMPACT_ATOMS: atom_id res chain seq x y z
N MET A 1 -13.97 19.10 1.41
CA MET A 1 -14.39 17.70 1.10
C MET A 1 -13.60 16.69 1.92
N LEU A 2 -13.91 15.41 1.71
CA LEU A 2 -13.26 14.30 2.40
C LEU A 2 -11.75 14.36 2.38
N GLU A 3 -11.20 14.52 1.18
CA GLU A 3 -9.76 14.54 1.03
C GLU A 3 -9.01 15.81 1.34
N GLN A 4 -9.68 16.78 1.96
CA GLN A 4 -9.01 18.04 2.34
C GLN A 4 -7.86 17.77 3.33
N PRO A 5 -7.99 16.77 4.22
CA PRO A 5 -6.92 16.46 5.17
C PRO A 5 -5.63 16.17 4.42
N TYR A 6 -5.74 15.54 3.25
CA TYR A 6 -4.55 15.22 2.49
C TYR A 6 -3.92 16.53 2.02
N LEU A 7 -4.73 17.34 1.35
CA LEU A 7 -4.28 18.63 0.84
C LEU A 7 -3.64 19.47 1.96
N ASP A 8 -4.20 19.38 3.17
CA ASP A 8 -3.66 20.12 4.30
C ASP A 8 -2.26 19.61 4.67
N LEU A 9 -2.12 18.29 4.81
CA LEU A 9 -0.83 17.68 5.14
C LEU A 9 0.25 18.21 4.20
N ALA A 10 -0.06 18.17 2.90
CA ALA A 10 0.87 18.64 1.86
C ALA A 10 1.23 20.11 2.02
N LYS A 11 0.23 20.96 2.28
CA LYS A 11 0.46 22.39 2.47
C LYS A 11 1.46 22.52 3.62
N LYS A 12 1.09 21.91 4.75
CA LYS A 12 1.87 21.90 5.98
C LYS A 12 3.32 21.60 5.71
N VAL A 13 3.58 20.48 5.05
CA VAL A 13 4.94 20.08 4.72
C VAL A 13 5.62 21.12 3.82
N LEU A 14 4.84 21.76 2.94
CA LEU A 14 5.40 22.78 2.05
C LEU A 14 5.96 23.96 2.84
N ASP A 15 5.20 24.42 3.83
CA ASP A 15 5.65 25.53 4.66
C ASP A 15 5.58 25.21 6.14
N GLU A 16 6.59 24.48 6.60
CA GLU A 16 6.77 24.04 7.98
C GLU A 16 7.77 22.91 7.97
N GLY A 17 7.72 22.11 6.90
CA GLY A 17 8.63 20.99 6.76
C GLY A 17 10.04 21.52 6.73
N HIS A 18 11.00 20.72 7.19
CA HIS A 18 12.38 21.16 7.20
C HIS A 18 13.18 20.24 6.29
N PHE A 19 14.24 20.76 5.68
CA PHE A 19 15.01 19.92 4.77
C PHE A 19 15.61 18.77 5.56
N LYS A 20 15.64 17.60 4.93
CA LYS A 20 16.17 16.41 5.57
C LYS A 20 16.71 15.44 4.51
N PRO A 21 17.94 14.94 4.71
CA PRO A 21 18.61 14.01 3.80
C PRO A 21 18.02 12.61 4.06
N ASP A 22 18.29 11.65 3.20
CA ASP A 22 17.70 10.32 3.39
C ASP A 22 18.43 9.15 2.74
N ARG A 23 17.81 7.98 2.86
CA ARG A 23 18.31 6.73 2.30
C ARG A 23 18.51 6.90 0.81
N THR A 24 17.41 7.09 0.07
CA THR A 24 17.50 7.33 -1.37
C THR A 24 18.23 8.66 -1.32
N HIS A 25 19.06 8.99 -2.30
CA HIS A 25 19.72 10.25 -2.11
C HIS A 25 19.05 11.49 -2.65
N THR A 26 17.74 11.36 -2.86
CA THR A 26 16.89 12.45 -3.30
C THR A 26 16.49 13.08 -1.97
N GLY A 27 16.76 14.37 -1.77
CA GLY A 27 16.41 15.01 -0.51
C GLY A 27 14.91 15.12 -0.26
N THR A 28 14.52 15.54 0.94
CA THR A 28 13.10 15.67 1.27
C THR A 28 12.78 16.82 2.26
N TYR A 29 11.50 17.21 2.31
CA TYR A 29 10.99 18.22 3.25
C TYR A 29 10.19 17.31 4.18
N SER A 30 10.40 17.43 5.48
CA SER A 30 9.78 16.52 6.42
C SER A 30 9.25 17.07 7.72
N ILE A 31 8.27 16.35 8.27
CA ILE A 31 7.67 16.65 9.55
C ILE A 31 7.63 15.28 10.24
N PHE A 32 7.49 15.28 11.56
CA PHE A 32 7.44 14.04 12.31
C PHE A 32 6.20 14.05 13.19
N GLY A 33 5.32 13.08 13.02
CA GLY A 33 4.12 13.04 13.81
C GLY A 33 3.02 13.86 13.17
N HIS A 34 1.99 13.17 12.70
CA HIS A 34 0.86 13.81 12.08
C HIS A 34 -0.26 12.80 12.02
N GLN A 35 -1.49 13.27 12.12
CA GLN A 35 -2.61 12.36 12.12
C GLN A 35 -3.75 13.08 11.44
N MET A 36 -4.58 12.32 10.75
CA MET A 36 -5.76 12.86 10.07
C MET A 36 -6.85 11.79 10.06
N ARG A 37 -8.09 12.22 10.07
CA ARG A 37 -9.18 11.27 10.04
C ARG A 37 -10.09 11.49 8.86
N PHE A 38 -10.71 10.41 8.42
CA PHE A 38 -11.62 10.45 7.31
C PHE A 38 -12.88 9.75 7.80
N ASP A 39 -13.99 10.47 7.80
CA ASP A 39 -15.25 9.93 8.22
C ASP A 39 -15.68 9.12 7.02
N LEU A 40 -15.57 7.80 7.13
CA LEU A 40 -15.92 6.91 6.02
C LEU A 40 -17.39 6.82 5.65
N SER A 41 -18.24 7.56 6.34
CA SER A 41 -19.67 7.57 6.02
C SER A 41 -19.96 8.76 5.11
N LYS A 42 -18.93 9.57 4.90
CA LYS A 42 -19.04 10.75 4.07
C LYS A 42 -18.71 10.42 2.61
N GLY A 43 -18.07 9.28 2.38
CA GLY A 43 -17.69 8.90 1.03
C GLY A 43 -16.35 8.20 1.10
N PHE A 44 -15.86 7.69 -0.04
CA PHE A 44 -14.59 6.98 -0.05
C PHE A 44 -13.47 7.92 -0.38
N PRO A 45 -12.42 7.94 0.47
CA PRO A 45 -11.22 8.78 0.35
C PRO A 45 -10.29 8.58 -0.85
N LEU A 46 -10.83 8.23 -2.01
CA LEU A 46 -9.98 8.09 -3.17
C LEU A 46 -9.92 9.52 -3.73
N LEU A 47 -8.71 10.06 -3.80
CA LEU A 47 -8.48 11.43 -4.25
C LEU A 47 -9.09 11.80 -5.58
N THR A 48 -9.73 12.98 -5.61
CA THR A 48 -10.33 13.53 -6.82
C THR A 48 -9.39 14.55 -7.45
N THR A 49 -8.52 15.16 -6.65
CA THR A 49 -7.57 16.17 -7.16
C THR A 49 -6.44 15.58 -8.00
N LYS A 50 -6.54 14.29 -8.28
CA LYS A 50 -5.55 13.57 -9.08
C LYS A 50 -6.09 12.16 -9.25
N LYS A 51 -5.95 11.63 -10.46
CA LYS A 51 -6.42 10.30 -10.81
C LYS A 51 -5.51 9.22 -10.27
N VAL A 52 -5.99 8.47 -9.28
CA VAL A 52 -5.26 7.36 -8.67
C VAL A 52 -5.88 6.02 -9.11
N PRO A 53 -5.06 5.11 -9.65
CA PRO A 53 -5.49 3.79 -10.12
C PRO A 53 -6.01 2.88 -9.02
N PHE A 54 -7.32 2.94 -8.80
CA PHE A 54 -7.95 2.13 -7.77
C PHE A 54 -7.71 0.65 -8.01
N GLY A 55 -7.70 0.24 -9.27
CA GLY A 55 -7.50 -1.15 -9.61
C GLY A 55 -6.23 -1.74 -9.02
N LEU A 56 -5.17 -0.96 -8.99
CA LEU A 56 -3.91 -1.43 -8.43
C LEU A 56 -4.08 -1.62 -6.93
N ILE A 57 -4.72 -0.66 -6.27
CA ILE A 57 -4.90 -0.74 -4.82
C ILE A 57 -5.74 -1.96 -4.39
N LYS A 58 -6.83 -2.26 -5.10
CA LYS A 58 -7.57 -3.43 -4.67
C LYS A 58 -6.95 -4.80 -5.03
N SER A 59 -6.27 -4.92 -6.16
CA SER A 59 -5.65 -6.20 -6.49
C SER A 59 -4.53 -6.49 -5.51
N GLU A 60 -3.96 -5.43 -4.95
CA GLU A 60 -2.89 -5.59 -3.97
C GLU A 60 -3.49 -5.91 -2.60
N LEU A 61 -4.65 -5.33 -2.29
CA LEU A 61 -5.28 -5.60 -1.00
C LEU A 61 -5.75 -7.04 -0.96
N LEU A 62 -6.39 -7.49 -2.04
CA LEU A 62 -6.87 -8.86 -2.09
C LEU A 62 -5.70 -9.85 -2.08
N TRP A 63 -4.55 -9.41 -2.57
CA TRP A 63 -3.33 -10.24 -2.55
C TRP A 63 -2.94 -10.37 -1.07
N PHE A 64 -3.03 -9.26 -0.34
CA PHE A 64 -2.71 -9.23 1.07
C PHE A 64 -3.66 -10.14 1.84
N LEU A 65 -4.95 -9.88 1.70
CA LEU A 65 -6.02 -10.62 2.36
C LEU A 65 -5.97 -12.12 2.14
N HIS A 66 -5.46 -12.54 0.98
CA HIS A 66 -5.34 -13.96 0.69
C HIS A 66 -4.14 -14.57 1.40
N GLY A 67 -3.25 -13.73 1.90
CA GLY A 67 -2.06 -14.22 2.58
C GLY A 67 -1.07 -14.70 1.54
N ASP A 68 -1.18 -14.11 0.36
CA ASP A 68 -0.34 -14.46 -0.77
C ASP A 68 0.90 -13.59 -0.75
N THR A 69 2.04 -14.18 -1.08
CA THR A 69 3.32 -13.46 -1.11
C THR A 69 4.04 -13.71 -2.43
N ASN A 70 3.30 -14.15 -3.43
CA ASN A 70 3.89 -14.42 -4.74
C ASN A 70 3.45 -13.37 -5.75
N ILE A 71 4.44 -12.70 -6.31
CA ILE A 71 4.25 -11.65 -7.31
C ILE A 71 3.30 -12.08 -8.45
N ARG A 72 3.24 -13.39 -8.69
CA ARG A 72 2.42 -13.96 -9.76
C ARG A 72 0.95 -13.53 -9.74
N PHE A 73 0.29 -13.58 -8.59
CA PHE A 73 -1.12 -13.18 -8.49
C PHE A 73 -1.29 -11.77 -9.03
N LEU A 74 -0.33 -10.91 -8.70
CA LEU A 74 -0.35 -9.50 -9.11
C LEU A 74 -0.20 -9.36 -10.62
N LEU A 75 0.86 -9.94 -11.17
CA LEU A 75 1.11 -9.89 -12.61
C LEU A 75 -0.11 -10.30 -13.41
N GLN A 76 -0.82 -11.32 -12.92
CA GLN A 76 -2.01 -11.81 -13.57
C GLN A 76 -3.11 -10.76 -13.66
N HIS A 77 -3.16 -9.86 -12.69
CA HIS A 77 -4.14 -8.78 -12.68
C HIS A 77 -3.46 -7.51 -13.17
N ARG A 78 -2.41 -7.70 -13.96
CA ARG A 78 -1.60 -6.64 -14.52
C ARG A 78 -1.27 -5.55 -13.51
N ASN A 79 -0.79 -5.99 -12.35
CA ASN A 79 -0.39 -5.09 -11.26
C ASN A 79 1.09 -5.31 -11.05
N HIS A 80 1.90 -4.28 -11.30
CA HIS A 80 3.34 -4.37 -11.19
C HIS A 80 4.00 -3.64 -10.02
N ILE A 81 3.24 -3.30 -8.99
CA ILE A 81 3.79 -2.57 -7.84
C ILE A 81 4.99 -3.23 -7.13
N TRP A 82 5.03 -4.55 -7.13
CA TRP A 82 6.11 -5.29 -6.47
C TRP A 82 7.16 -6.00 -7.35
N ASP A 83 6.97 -6.02 -8.67
CA ASP A 83 7.91 -6.68 -9.57
C ASP A 83 9.36 -6.37 -9.27
N GLU A 84 9.60 -5.09 -9.02
CA GLU A 84 10.93 -4.59 -8.74
C GLU A 84 11.65 -5.37 -7.64
N TRP A 85 10.88 -5.97 -6.74
CA TRP A 85 11.45 -6.74 -5.64
C TRP A 85 11.81 -8.16 -6.04
N ALA A 86 10.94 -8.79 -6.80
CA ALA A 86 11.18 -10.15 -7.28
C ALA A 86 12.37 -10.12 -8.22
N PHE A 87 12.29 -9.26 -9.23
CA PHE A 87 13.33 -9.09 -10.24
C PHE A 87 14.69 -8.98 -9.54
N GLU A 88 14.77 -8.05 -8.61
CA GLU A 88 15.97 -7.78 -7.81
C GLU A 88 16.66 -9.07 -7.36
N LYS A 89 15.91 -9.92 -6.65
CA LYS A 89 16.43 -11.19 -6.13
C LYS A 89 16.98 -12.06 -7.26
N TRP A 90 16.22 -12.11 -8.36
CA TRP A 90 16.55 -12.90 -9.53
C TRP A 90 17.86 -12.51 -10.20
N VAL A 91 18.01 -11.23 -10.49
CA VAL A 91 19.20 -10.72 -11.16
C VAL A 91 20.49 -10.99 -10.37
N LYS A 92 20.34 -11.24 -9.08
CA LYS A 92 21.49 -11.48 -8.22
C LYS A 92 21.60 -12.97 -7.83
N SER A 93 21.21 -13.85 -8.73
CA SER A 93 21.29 -15.29 -8.50
C SER A 93 22.02 -16.01 -9.65
N ASP A 94 22.18 -17.33 -9.54
CA ASP A 94 22.85 -18.13 -10.57
C ASP A 94 22.09 -18.21 -11.89
N GLU A 95 20.81 -18.58 -11.82
CA GLU A 95 20.00 -18.74 -13.01
C GLU A 95 20.09 -17.55 -13.97
N TYR A 96 20.25 -16.35 -13.42
CA TYR A 96 20.35 -15.17 -14.26
C TYR A 96 21.66 -15.09 -15.01
N HIS A 97 21.55 -15.03 -16.33
CA HIS A 97 22.69 -14.90 -17.21
C HIS A 97 22.21 -13.81 -18.16
N GLY A 98 22.73 -12.60 -18.01
CA GLY A 98 22.30 -11.51 -18.85
C GLY A 98 22.90 -10.19 -18.41
N PRO A 99 22.55 -9.08 -19.11
CA PRO A 99 23.01 -7.71 -18.86
C PRO A 99 22.88 -7.22 -17.42
N ASP A 100 23.71 -7.76 -16.53
CA ASP A 100 23.78 -7.47 -15.09
C ASP A 100 22.72 -6.61 -14.33
N MET A 101 22.32 -5.46 -14.88
CA MET A 101 21.34 -4.58 -14.23
C MET A 101 21.60 -4.27 -12.75
N THR A 102 22.80 -3.79 -12.44
CA THR A 102 23.14 -3.45 -11.06
C THR A 102 22.73 -1.99 -10.79
N ASP A 103 22.01 -1.78 -9.69
CA ASP A 103 21.50 -0.46 -9.28
C ASP A 103 20.59 0.08 -10.39
N PHE A 104 19.90 -0.85 -11.06
CA PHE A 104 18.99 -0.53 -12.16
C PHE A 104 17.96 0.56 -11.91
N GLY A 105 17.29 0.52 -10.76
CA GLY A 105 16.29 1.54 -10.44
C GLY A 105 16.78 2.94 -10.74
N HIS A 106 18.05 3.19 -10.44
CA HIS A 106 18.67 4.48 -10.69
C HIS A 106 18.89 4.69 -12.17
N ARG A 107 19.70 3.80 -12.75
CA ARG A 107 20.08 3.84 -14.16
C ARG A 107 18.91 4.01 -15.13
N SER A 108 17.78 3.39 -14.83
CA SER A 108 16.60 3.50 -15.69
C SER A 108 16.25 4.98 -15.73
N GLN A 109 16.18 5.58 -14.53
CA GLN A 109 15.86 6.99 -14.38
C GLN A 109 16.98 7.90 -14.87
N LYS A 110 18.14 7.32 -15.18
CA LYS A 110 19.27 8.12 -15.63
C LYS A 110 19.79 7.92 -17.06
N ASP A 111 19.49 6.79 -17.67
CA ASP A 111 19.97 6.52 -19.03
C ASP A 111 18.82 6.10 -19.93
N PRO A 112 18.80 6.61 -21.17
CA PRO A 112 17.78 6.32 -22.17
C PRO A 112 17.69 4.87 -22.62
N GLU A 113 18.72 4.38 -23.29
CA GLU A 113 18.69 3.02 -23.81
C GLU A 113 18.87 1.88 -22.81
N PHE A 114 19.45 2.17 -21.65
CA PHE A 114 19.59 1.13 -20.61
C PHE A 114 18.16 0.82 -20.18
N ALA A 115 17.38 1.87 -19.92
CA ALA A 115 16.00 1.74 -19.52
C ALA A 115 15.24 0.79 -20.44
N ALA A 116 15.56 0.85 -21.73
CA ALA A 116 14.93 -0.01 -22.74
C ALA A 116 15.38 -1.47 -22.68
N VAL A 117 16.64 -1.70 -22.32
CA VAL A 117 17.15 -3.06 -22.22
C VAL A 117 16.63 -3.67 -20.92
N TYR A 118 16.53 -2.82 -19.90
CA TYR A 118 16.05 -3.21 -18.58
C TYR A 118 14.61 -3.69 -18.61
N HIS A 119 13.73 -2.93 -19.25
CA HIS A 119 12.33 -3.32 -19.28
C HIS A 119 12.05 -4.54 -20.14
N GLU A 120 12.90 -4.81 -21.13
CA GLU A 120 12.70 -5.99 -21.95
C GLU A 120 13.16 -7.16 -21.08
N GLU A 121 14.21 -6.92 -20.30
CA GLU A 121 14.74 -7.91 -19.38
C GLU A 121 13.66 -8.26 -18.36
N MET A 122 13.01 -7.23 -17.82
CA MET A 122 11.94 -7.38 -16.85
C MET A 122 10.74 -8.04 -17.53
N ALA A 123 10.50 -7.69 -18.79
CA ALA A 123 9.39 -8.24 -19.57
C ALA A 123 9.46 -9.75 -19.55
N LYS A 124 10.64 -10.29 -19.80
CA LYS A 124 10.85 -11.72 -19.80
C LYS A 124 10.63 -12.28 -18.38
N PHE A 125 11.19 -11.61 -17.38
CA PHE A 125 11.04 -12.03 -15.99
C PHE A 125 9.58 -12.22 -15.60
N ASP A 126 8.77 -11.19 -15.82
CA ASP A 126 7.36 -11.26 -15.50
C ASP A 126 6.67 -12.41 -16.23
N ASP A 127 7.05 -12.61 -17.48
CA ASP A 127 6.47 -13.68 -18.30
C ASP A 127 6.93 -15.04 -17.81
N ARG A 128 8.15 -15.08 -17.30
CA ARG A 128 8.76 -16.31 -16.82
C ARG A 128 8.20 -16.72 -15.46
N VAL A 129 7.81 -15.73 -14.65
CA VAL A 129 7.21 -16.00 -13.35
C VAL A 129 5.76 -16.40 -13.64
N LEU A 130 5.20 -15.77 -14.67
CA LEU A 130 3.84 -16.02 -15.13
C LEU A 130 3.66 -17.40 -15.74
N HIS A 131 4.74 -18.01 -16.20
CA HIS A 131 4.60 -19.31 -16.85
C HIS A 131 5.36 -20.49 -16.28
N ASP A 132 6.59 -20.26 -15.85
CA ASP A 132 7.38 -21.36 -15.29
C ASP A 132 7.02 -21.56 -13.83
N ASP A 133 6.07 -22.44 -13.57
CA ASP A 133 5.60 -22.75 -12.21
C ASP A 133 6.71 -22.95 -11.17
N ALA A 134 7.89 -23.39 -11.61
CA ALA A 134 9.01 -23.60 -10.70
C ALA A 134 9.77 -22.29 -10.51
N PHE A 135 9.92 -21.55 -11.60
CA PHE A 135 10.61 -20.26 -11.57
C PHE A 135 9.79 -19.36 -10.62
N ALA A 136 8.48 -19.37 -10.79
CA ALA A 136 7.59 -18.57 -9.97
C ALA A 136 7.74 -18.87 -8.47
N ALA A 137 7.80 -20.15 -8.13
CA ALA A 137 7.95 -20.54 -6.73
C ALA A 137 9.31 -20.12 -6.20
N LYS A 138 10.27 -20.05 -7.12
CA LYS A 138 11.65 -19.73 -6.78
C LYS A 138 12.00 -18.24 -6.75
N TYR A 139 11.43 -17.48 -7.67
CA TYR A 139 11.70 -16.05 -7.75
C TYR A 139 10.48 -15.17 -7.59
N GLY A 140 9.30 -15.77 -7.72
CA GLY A 140 8.07 -15.01 -7.58
C GLY A 140 7.67 -14.80 -6.12
N ASP A 141 8.09 -15.70 -5.24
CA ASP A 141 7.75 -15.57 -3.82
C ASP A 141 8.71 -14.68 -3.05
N LEU A 142 8.17 -13.56 -2.58
CA LEU A 142 8.96 -12.58 -1.83
C LEU A 142 9.20 -13.03 -0.39
N GLY A 143 8.27 -13.81 0.14
CA GLY A 143 8.40 -14.31 1.49
C GLY A 143 7.78 -13.40 2.53
N LEU A 144 8.56 -12.44 3.02
CA LEU A 144 8.11 -11.49 4.05
C LEU A 144 7.44 -10.24 3.50
N VAL A 145 6.15 -10.35 3.21
CA VAL A 145 5.35 -9.26 2.69
C VAL A 145 4.11 -9.22 3.58
N TYR A 146 3.36 -8.13 3.54
CA TYR A 146 2.17 -7.97 4.36
C TYR A 146 1.26 -9.20 4.46
N GLY A 147 1.06 -9.89 3.34
CA GLY A 147 0.22 -11.07 3.37
C GLY A 147 0.68 -12.09 4.40
N SER A 148 1.94 -12.47 4.38
CA SER A 148 2.44 -13.43 5.33
C SER A 148 2.51 -12.83 6.73
N GLN A 149 2.81 -11.54 6.81
CA GLN A 149 2.88 -10.89 8.11
C GLN A 149 1.50 -10.84 8.75
N TRP A 150 0.49 -10.62 7.93
CA TRP A 150 -0.88 -10.52 8.38
C TRP A 150 -1.50 -11.86 8.72
N ARG A 151 -1.19 -12.86 7.91
CA ARG A 151 -1.80 -14.17 8.06
C ARG A 151 -0.93 -15.36 8.37
N ALA A 152 0.37 -15.18 8.45
CA ALA A 152 1.23 -16.32 8.72
C ALA A 152 2.46 -15.89 9.50
N TRP A 153 2.22 -15.16 10.57
CA TRP A 153 3.30 -14.70 11.41
C TRP A 153 4.01 -15.94 11.94
N HIS A 154 5.20 -16.22 11.42
CA HIS A 154 5.96 -17.36 11.87
C HIS A 154 6.37 -17.18 13.31
N THR A 155 6.14 -18.22 14.11
CA THR A 155 6.48 -18.21 15.52
C THR A 155 7.83 -18.85 15.76
N SER A 156 8.27 -18.81 17.02
CA SER A 156 9.54 -19.38 17.43
C SER A 156 9.40 -20.90 17.46
N LYS A 157 8.22 -21.39 17.82
CA LYS A 157 7.98 -22.83 17.86
C LYS A 157 7.68 -23.35 16.46
N GLY A 158 8.19 -22.65 15.45
CA GLY A 158 8.02 -23.06 14.07
C GLY A 158 6.63 -23.01 13.44
N ASP A 159 5.60 -22.73 14.23
CA ASP A 159 4.24 -22.68 13.69
C ASP A 159 3.94 -21.33 13.04
N THR A 160 2.65 -21.02 12.89
CA THR A 160 2.26 -19.78 12.27
C THR A 160 0.95 -19.24 12.86
N ILE A 161 0.86 -17.91 12.98
CA ILE A 161 -0.30 -17.23 13.56
C ILE A 161 -1.09 -16.48 12.48
N ASP A 162 -2.41 -16.69 12.41
CA ASP A 162 -3.21 -15.94 11.44
C ASP A 162 -3.65 -14.68 12.18
N GLN A 163 -2.68 -13.81 12.41
CA GLN A 163 -2.86 -12.55 13.11
C GLN A 163 -4.18 -11.82 12.84
N LEU A 164 -4.40 -11.42 11.58
CA LEU A 164 -5.61 -10.71 11.19
C LEU A 164 -6.87 -11.57 11.42
N GLY A 165 -6.80 -12.83 10.99
CA GLY A 165 -7.92 -13.73 11.16
C GLY A 165 -8.42 -13.82 12.59
N ASP A 166 -7.47 -13.95 13.53
CA ASP A 166 -7.80 -14.03 14.94
C ASP A 166 -8.50 -12.73 15.36
N VAL A 167 -7.86 -11.60 15.02
CA VAL A 167 -8.37 -10.27 15.34
C VAL A 167 -9.83 -10.11 14.91
N ILE A 168 -10.18 -10.62 13.74
CA ILE A 168 -11.55 -10.48 13.27
C ILE A 168 -12.54 -11.28 14.11
N GLU A 169 -12.15 -12.48 14.56
CA GLU A 169 -13.04 -13.30 15.40
C GLU A 169 -13.22 -12.54 16.69
N GLN A 170 -12.17 -11.83 17.09
CA GLN A 170 -12.19 -11.02 18.31
C GLN A 170 -13.17 -9.87 18.20
N ILE A 171 -13.23 -9.22 17.04
CA ILE A 171 -14.15 -8.10 16.86
C ILE A 171 -15.59 -8.59 17.02
N LYS A 172 -15.83 -9.83 16.62
CA LYS A 172 -17.15 -10.44 16.70
C LYS A 172 -17.54 -10.77 18.12
N THR A 173 -16.66 -11.47 18.80
CA THR A 173 -16.90 -11.91 20.18
C THR A 173 -16.67 -10.83 21.24
N HIS A 174 -15.86 -9.84 20.94
CA HIS A 174 -15.54 -8.77 21.89
C HIS A 174 -15.27 -7.48 21.11
N PRO A 175 -16.34 -6.86 20.59
CA PRO A 175 -16.16 -5.63 19.81
C PRO A 175 -15.55 -4.48 20.61
N TYR A 176 -15.74 -4.50 21.93
CA TYR A 176 -15.21 -3.46 22.78
C TYR A 176 -13.76 -3.70 23.18
N SER A 177 -13.13 -4.66 22.51
CA SER A 177 -11.76 -4.99 22.84
C SER A 177 -10.75 -3.91 22.44
N ARG A 178 -10.06 -3.40 23.45
CA ARG A 178 -9.03 -2.40 23.30
C ARG A 178 -7.75 -2.99 22.70
N ARG A 179 -7.61 -4.31 22.73
CA ARG A 179 -6.42 -4.98 22.23
C ARG A 179 -6.46 -5.49 20.78
N LEU A 180 -7.34 -4.92 19.95
CA LEU A 180 -7.50 -5.35 18.54
C LEU A 180 -6.43 -4.81 17.60
N ILE A 181 -5.19 -5.25 17.78
CA ILE A 181 -4.07 -4.80 16.95
C ILE A 181 -3.51 -5.88 16.03
N VAL A 182 -3.15 -5.48 14.81
CA VAL A 182 -2.51 -6.39 13.86
C VAL A 182 -1.16 -5.71 13.63
N SER A 183 -0.08 -6.48 13.68
CA SER A 183 1.25 -5.90 13.54
C SER A 183 2.06 -6.56 12.43
N ALA A 184 2.83 -5.73 11.73
CA ALA A 184 3.66 -6.22 10.63
C ALA A 184 5.13 -5.98 10.91
N TRP A 185 5.46 -5.53 12.11
CA TRP A 185 6.85 -5.25 12.43
C TRP A 185 7.58 -6.34 13.22
N ASN A 186 8.23 -7.25 12.52
CA ASN A 186 8.95 -8.32 13.20
C ASN A 186 10.39 -7.89 13.44
N PRO A 187 10.75 -7.67 14.70
CA PRO A 187 12.10 -7.25 15.11
C PRO A 187 13.26 -8.15 14.67
N GLU A 188 13.02 -9.45 14.53
CA GLU A 188 14.09 -10.35 14.13
C GLU A 188 14.34 -10.43 12.62
N ASP A 189 13.37 -10.00 11.80
CA ASP A 189 13.55 -10.02 10.35
C ASP A 189 13.93 -8.64 9.82
N VAL A 190 13.46 -7.60 10.49
CA VAL A 190 13.72 -6.23 10.08
C VAL A 190 15.17 -5.84 9.75
N PRO A 191 16.16 -6.41 10.44
CA PRO A 191 17.54 -6.04 10.12
C PRO A 191 18.08 -6.54 8.78
N THR A 192 17.47 -7.58 8.23
CA THR A 192 17.92 -8.14 6.96
C THR A 192 16.86 -7.97 5.87
N MET A 193 15.89 -7.10 6.15
CA MET A 193 14.78 -6.84 5.25
C MET A 193 15.15 -5.73 4.30
N ALA A 194 14.89 -5.92 3.01
CA ALA A 194 15.19 -4.90 2.00
C ALA A 194 14.31 -3.68 2.24
N LEU A 195 13.08 -3.94 2.71
CA LEU A 195 12.17 -2.85 3.03
C LEU A 195 11.27 -3.20 4.21
N PRO A 196 11.72 -2.88 5.43
CA PRO A 196 10.94 -3.16 6.63
C PRO A 196 9.61 -2.42 6.48
N PRO A 197 8.50 -3.02 6.92
CA PRO A 197 7.15 -2.44 6.85
C PRO A 197 7.01 -0.94 7.01
N CYS A 198 6.32 -0.32 6.07
CA CYS A 198 6.06 1.11 6.15
C CYS A 198 4.80 1.24 6.99
N HIS A 199 3.85 0.35 6.76
CA HIS A 199 2.57 0.33 7.48
C HIS A 199 2.82 -0.68 8.59
N THR A 200 3.47 -0.16 9.63
CA THR A 200 3.91 -0.89 10.81
C THR A 200 2.89 -1.59 11.66
N LEU A 201 1.73 -0.98 11.81
CA LEU A 201 0.74 -1.52 12.73
C LEU A 201 -0.56 -0.77 12.55
N TYR A 202 -1.67 -1.42 12.84
CA TYR A 202 -2.98 -0.75 12.76
C TYR A 202 -3.89 -1.33 13.83
N GLN A 203 -4.87 -0.55 14.24
CA GLN A 203 -5.78 -0.96 15.31
C GLN A 203 -7.22 -0.70 14.93
N PHE A 204 -8.10 -1.63 15.30
CA PHE A 204 -9.53 -1.49 15.03
C PHE A 204 -10.18 -0.96 16.28
N TYR A 205 -11.42 -0.48 16.17
CA TYR A 205 -12.11 0.08 17.31
C TYR A 205 -13.61 0.04 17.03
N VAL A 206 -14.37 -0.42 18.00
CA VAL A 206 -15.81 -0.50 17.83
C VAL A 206 -16.58 0.22 18.92
N ASN A 207 -17.57 1.01 18.51
CA ASN A 207 -18.48 1.68 19.43
C ASN A 207 -19.68 2.13 18.64
N ASP A 208 -20.86 2.03 19.24
CA ASP A 208 -22.11 2.43 18.60
C ASP A 208 -22.35 1.73 17.26
N GLY A 209 -21.85 0.50 17.13
CA GLY A 209 -22.03 -0.24 15.90
C GLY A 209 -21.17 0.18 14.73
N LYS A 210 -20.29 1.16 14.93
CA LYS A 210 -19.39 1.65 13.88
C LYS A 210 -17.97 1.16 14.11
N LEU A 211 -17.30 0.72 13.03
CA LEU A 211 -15.94 0.23 13.09
C LEU A 211 -14.97 1.29 12.58
N SER A 212 -13.91 1.54 13.34
CA SER A 212 -12.90 2.51 12.95
C SER A 212 -11.52 1.87 12.94
N LEU A 213 -10.61 2.43 12.15
CA LEU A 213 -9.27 1.88 12.07
C LEU A 213 -8.24 3.00 12.09
N GLN A 214 -7.17 2.80 12.85
CA GLN A 214 -6.09 3.78 12.92
C GLN A 214 -4.84 3.06 12.42
N LEU A 215 -4.08 3.73 11.56
CA LEU A 215 -2.88 3.14 10.99
C LEU A 215 -1.63 3.87 11.42
N TYR A 216 -0.62 3.15 11.87
CA TYR A 216 0.64 3.80 12.20
C TYR A 216 1.58 3.55 11.03
N GLN A 217 1.87 4.60 10.26
CA GLN A 217 2.78 4.49 9.13
C GLN A 217 4.07 5.24 9.44
N ARG A 218 5.17 4.51 9.55
CA ARG A 218 6.47 5.12 9.86
C ARG A 218 7.04 6.10 8.82
N SER A 219 6.84 5.83 7.53
CA SER A 219 7.35 6.69 6.46
C SER A 219 6.31 6.94 5.41
N ALA A 220 6.18 8.18 4.97
CA ALA A 220 5.20 8.54 3.97
C ALA A 220 5.77 9.44 2.89
N ASP A 221 5.52 9.06 1.65
CA ASP A 221 5.92 9.80 0.46
C ASP A 221 4.60 10.51 0.24
N ILE A 222 4.50 11.73 0.75
CA ILE A 222 3.26 12.49 0.63
C ILE A 222 2.62 12.58 -0.75
N PHE A 223 3.41 12.82 -1.78
CA PHE A 223 2.88 12.91 -3.13
C PHE A 223 2.56 11.54 -3.76
N LEU A 224 3.57 10.69 -3.87
CA LEU A 224 3.41 9.37 -4.48
C LEU A 224 2.87 8.25 -3.61
N GLY A 225 3.14 8.29 -2.32
CA GLY A 225 2.72 7.21 -1.46
C GLY A 225 1.41 7.34 -0.75
N VAL A 226 1.26 8.41 0.01
CA VAL A 226 0.05 8.63 0.80
C VAL A 226 -1.30 8.41 0.10
N PRO A 227 -1.47 8.88 -1.16
CA PRO A 227 -2.75 8.67 -1.84
C PRO A 227 -3.18 7.21 -2.02
N PHE A 228 -2.21 6.33 -2.28
CA PHE A 228 -2.49 4.90 -2.43
C PHE A 228 -2.80 4.29 -1.07
N ASN A 229 -1.96 4.61 -0.10
CA ASN A 229 -2.08 4.11 1.27
C ASN A 229 -3.45 4.39 1.89
N ILE A 230 -3.90 5.64 1.75
CA ILE A 230 -5.20 6.05 2.29
C ILE A 230 -6.31 5.12 1.80
N ALA A 231 -6.28 4.83 0.50
CA ALA A 231 -7.28 3.98 -0.13
C ALA A 231 -7.24 2.53 0.34
N SER A 232 -6.03 1.98 0.46
CA SER A 232 -5.86 0.59 0.89
C SER A 232 -6.53 0.32 2.23
N TYR A 233 -6.25 1.19 3.19
CA TYR A 233 -6.78 1.04 4.53
C TYR A 233 -8.23 1.42 4.73
N ALA A 234 -8.71 2.38 3.96
CA ALA A 234 -10.12 2.75 4.08
C ALA A 234 -10.90 1.56 3.51
N LEU A 235 -10.38 1.00 2.40
CA LEU A 235 -10.98 -0.16 1.76
C LEU A 235 -11.00 -1.29 2.78
N LEU A 236 -9.86 -1.53 3.41
CA LEU A 236 -9.71 -2.58 4.42
C LEU A 236 -10.70 -2.39 5.56
N THR A 237 -10.95 -1.15 5.93
CA THR A 237 -11.90 -0.80 6.98
C THR A 237 -13.32 -1.16 6.55
N HIS A 238 -13.62 -0.99 5.25
CA HIS A 238 -14.93 -1.32 4.71
C HIS A 238 -15.13 -2.84 4.63
N LEU A 239 -14.08 -3.58 4.27
CA LEU A 239 -14.18 -5.04 4.17
C LEU A 239 -14.43 -5.64 5.54
N VAL A 240 -13.58 -5.31 6.50
CA VAL A 240 -13.74 -5.83 7.85
C VAL A 240 -15.10 -5.46 8.41
N ALA A 241 -15.59 -4.25 8.09
CA ALA A 241 -16.90 -3.83 8.57
C ALA A 241 -17.97 -4.74 7.98
N HIS A 242 -17.75 -5.12 6.71
CA HIS A 242 -18.67 -5.98 5.98
C HIS A 242 -18.77 -7.34 6.67
N GLU A 243 -17.63 -7.96 6.90
CA GLU A 243 -17.62 -9.27 7.53
C GLU A 243 -18.27 -9.26 8.90
N CYS A 244 -17.87 -8.32 9.75
CA CYS A 244 -18.38 -8.25 11.10
C CYS A 244 -19.80 -7.72 11.28
N GLY A 245 -20.42 -7.32 10.17
CA GLY A 245 -21.78 -6.81 10.22
C GLY A 245 -21.89 -5.53 11.01
N LEU A 246 -20.87 -4.69 10.89
CA LEU A 246 -20.83 -3.42 11.58
C LEU A 246 -20.88 -2.32 10.55
N GLU A 247 -21.23 -1.13 11.00
CA GLU A 247 -21.29 0.03 10.12
C GLU A 247 -19.86 0.55 10.04
N VAL A 248 -19.58 1.40 9.07
CA VAL A 248 -18.23 1.94 8.89
C VAL A 248 -18.04 3.28 9.60
N GLY A 249 -16.93 3.41 10.33
CA GLY A 249 -16.63 4.62 11.07
C GLY A 249 -15.65 5.58 10.41
N GLU A 250 -14.49 5.74 11.03
CA GLU A 250 -13.45 6.62 10.49
C GLU A 250 -12.15 5.89 10.29
N PHE A 251 -11.32 6.48 9.44
CA PHE A 251 -10.01 5.94 9.17
C PHE A 251 -9.10 7.06 9.65
N ILE A 252 -8.31 6.75 10.69
CA ILE A 252 -7.37 7.71 11.24
C ILE A 252 -5.99 7.27 10.77
N HIS A 253 -5.31 8.16 10.07
CA HIS A 253 -4.01 7.87 9.53
C HIS A 253 -2.99 8.61 10.40
N THR A 254 -2.15 7.87 11.11
CA THR A 254 -1.12 8.46 11.94
C THR A 254 0.19 8.28 11.20
N PHE A 255 1.02 9.32 11.24
CA PHE A 255 2.29 9.31 10.55
C PHE A 255 3.50 9.52 11.43
N GLY A 256 4.59 8.91 11.02
CA GLY A 256 5.85 9.09 11.69
C GLY A 256 6.47 10.17 10.84
N ASP A 257 7.32 9.76 9.89
CA ASP A 257 8.00 10.69 8.99
C ASP A 257 7.19 10.91 7.72
N ALA A 258 6.40 11.99 7.67
CA ALA A 258 5.62 12.32 6.48
C ALA A 258 6.47 13.32 5.72
N HIS A 259 6.93 12.93 4.54
CA HIS A 259 7.81 13.79 3.75
C HIS A 259 7.44 14.01 2.29
N LEU A 260 8.10 15.00 1.68
CA LEU A 260 7.93 15.38 0.29
C LEU A 260 9.32 15.30 -0.31
N TYR A 261 9.52 14.49 -1.35
CA TYR A 261 10.83 14.45 -1.96
C TYR A 261 11.01 15.72 -2.77
N VAL A 262 12.19 16.31 -2.66
CA VAL A 262 12.53 17.56 -3.34
C VAL A 262 12.18 17.53 -4.83
N ASN A 263 12.23 16.35 -5.44
CA ASN A 263 11.91 16.19 -6.86
C ASN A 263 10.39 16.14 -7.15
N HIS A 264 9.57 16.62 -6.22
CA HIS A 264 8.12 16.61 -6.40
C HIS A 264 7.43 17.94 -6.11
N LEU A 265 8.19 18.97 -5.76
CA LEU A 265 7.57 20.27 -5.43
C LEU A 265 6.71 20.99 -6.46
N ASP A 266 7.07 20.89 -7.75
CA ASP A 266 6.26 21.54 -8.78
C ASP A 266 4.89 20.86 -8.91
N GLN A 267 4.88 19.54 -8.80
CA GLN A 267 3.65 18.76 -8.92
C GLN A 267 2.66 18.97 -7.78
N ILE A 268 3.11 18.84 -6.54
CA ILE A 268 2.22 19.02 -5.41
C ILE A 268 1.67 20.45 -5.42
N LYS A 269 2.50 21.38 -5.86
CA LYS A 269 2.11 22.78 -5.96
C LYS A 269 0.98 22.91 -6.98
N GLU A 270 1.07 22.15 -8.07
CA GLU A 270 0.05 22.17 -9.12
C GLU A 270 -1.25 21.55 -8.62
N GLN A 271 -1.14 20.39 -7.99
CA GLN A 271 -2.33 19.71 -7.48
C GLN A 271 -3.07 20.61 -6.50
N LEU A 272 -2.34 21.50 -5.83
CA LEU A 272 -2.94 22.41 -4.87
C LEU A 272 -3.70 23.58 -5.49
N SER A 273 -3.79 23.62 -6.82
CA SER A 273 -4.52 24.68 -7.51
C SER A 273 -5.94 24.16 -7.77
N ARG A 274 -6.07 22.85 -7.68
CA ARG A 274 -7.32 22.15 -7.95
C ARG A 274 -8.31 22.09 -6.80
N THR A 275 -9.59 22.26 -7.12
CA THR A 275 -10.64 22.22 -6.12
C THR A 275 -11.17 20.78 -6.04
N PRO A 276 -11.35 20.25 -4.82
CA PRO A 276 -11.85 18.89 -4.61
C PRO A 276 -13.22 18.65 -5.24
N ARG A 277 -13.36 17.48 -5.83
CA ARG A 277 -14.59 17.05 -6.48
C ARG A 277 -15.32 16.21 -5.43
N PRO A 278 -16.63 15.99 -5.59
CA PRO A 278 -17.33 15.17 -4.60
C PRO A 278 -16.74 13.77 -4.62
N ALA A 279 -16.69 13.12 -3.46
CA ALA A 279 -16.08 11.81 -3.35
C ALA A 279 -16.85 10.63 -3.90
N PRO A 280 -16.12 9.62 -4.36
CA PRO A 280 -16.72 8.40 -4.91
C PRO A 280 -17.34 7.63 -3.75
N THR A 281 -18.05 6.56 -4.05
CA THR A 281 -18.69 5.75 -3.02
C THR A 281 -18.19 4.33 -3.21
N LEU A 282 -18.13 3.57 -2.12
CA LEU A 282 -17.67 2.20 -2.21
C LEU A 282 -18.88 1.27 -2.15
N GLN A 283 -18.85 0.23 -2.99
CA GLN A 283 -19.94 -0.73 -3.07
C GLN A 283 -19.46 -2.17 -3.04
N LEU A 284 -19.78 -2.88 -1.97
CA LEU A 284 -19.38 -4.27 -1.77
C LEU A 284 -20.49 -5.30 -2.03
N ASN A 285 -20.11 -6.40 -2.66
CA ASN A 285 -21.01 -7.50 -2.99
C ASN A 285 -21.70 -8.01 -1.70
N PRO A 286 -23.00 -7.71 -1.56
CA PRO A 286 -23.77 -8.12 -0.39
C PRO A 286 -23.95 -9.63 -0.21
N ASP A 287 -24.03 -10.35 -1.32
CA ASP A 287 -24.23 -11.80 -1.26
C ASP A 287 -23.03 -12.50 -0.62
N LYS A 288 -21.84 -12.07 -0.99
CA LYS A 288 -20.63 -12.64 -0.44
C LYS A 288 -20.42 -11.94 0.90
N HIS A 289 -19.80 -12.63 1.86
CA HIS A 289 -19.55 -12.05 3.16
C HIS A 289 -18.12 -12.29 3.64
N ASP A 290 -17.63 -13.50 3.41
CA ASP A 290 -16.28 -13.88 3.80
C ASP A 290 -15.32 -13.09 2.93
N ILE A 291 -14.75 -12.04 3.51
CA ILE A 291 -13.82 -11.18 2.79
C ILE A 291 -12.56 -11.91 2.33
N PHE A 292 -12.20 -12.99 3.03
CA PHE A 292 -11.01 -13.74 2.64
C PHE A 292 -11.16 -14.41 1.27
N ASP A 293 -12.40 -14.69 0.88
CA ASP A 293 -12.68 -15.28 -0.42
C ASP A 293 -13.29 -14.21 -1.32
N PHE A 294 -12.73 -13.00 -1.24
CA PHE A 294 -13.21 -11.88 -2.06
C PHE A 294 -12.28 -11.75 -3.26
N ASP A 295 -12.82 -11.28 -4.38
CA ASP A 295 -12.03 -11.06 -5.56
C ASP A 295 -12.51 -9.80 -6.27
N MET A 296 -11.63 -9.26 -7.10
CA MET A 296 -11.84 -8.08 -7.92
C MET A 296 -13.29 -7.61 -8.09
N LYS A 297 -14.12 -8.50 -8.61
CA LYS A 297 -15.51 -8.15 -8.90
C LYS A 297 -16.48 -7.81 -7.78
N ASP A 298 -16.19 -8.24 -6.55
CA ASP A 298 -17.06 -7.98 -5.41
C ASP A 298 -16.83 -6.58 -4.81
N ILE A 299 -15.98 -5.79 -5.45
CA ILE A 299 -15.65 -4.44 -4.98
C ILE A 299 -15.79 -3.43 -6.11
N LYS A 300 -16.82 -2.60 -6.03
CA LYS A 300 -17.07 -1.60 -7.04
C LYS A 300 -16.95 -0.20 -6.42
N LEU A 301 -16.41 0.73 -7.19
CA LEU A 301 -16.29 2.11 -6.76
C LEU A 301 -17.15 2.89 -7.74
N LEU A 302 -18.14 3.62 -7.25
CA LEU A 302 -18.97 4.39 -8.15
C LEU A 302 -18.73 5.88 -7.96
N ASN A 303 -19.00 6.64 -9.02
CA ASN A 303 -18.90 8.10 -9.05
C ASN A 303 -17.54 8.72 -8.77
N TYR A 304 -16.48 8.14 -9.34
CA TYR A 304 -15.14 8.67 -9.18
C TYR A 304 -14.88 9.57 -10.39
N ASP A 305 -14.87 10.88 -10.15
CA ASP A 305 -14.67 11.86 -11.22
C ASP A 305 -13.46 12.75 -10.90
N PRO A 306 -12.25 12.21 -11.03
CA PRO A 306 -11.00 12.92 -10.73
C PRO A 306 -10.42 13.82 -11.82
N TYR A 307 -9.52 14.69 -11.38
CA TYR A 307 -8.77 15.59 -12.24
C TYR A 307 -7.77 14.65 -12.89
N PRO A 308 -7.11 15.09 -13.97
CA PRO A 308 -6.14 14.23 -14.65
C PRO A 308 -4.97 13.85 -13.74
N ALA A 309 -4.29 12.77 -14.07
CA ALA A 309 -3.16 12.29 -13.29
C ALA A 309 -2.00 13.27 -13.43
N ILE A 310 -1.03 13.15 -12.53
CA ILE A 310 0.15 14.03 -12.52
C ILE A 310 1.41 13.19 -12.50
N LYS A 311 2.14 13.20 -13.61
CA LYS A 311 3.39 12.45 -13.73
C LYS A 311 4.36 13.00 -12.68
N ALA A 312 5.29 12.18 -12.22
CA ALA A 312 6.27 12.62 -11.23
C ALA A 312 7.43 11.64 -11.25
N PRO A 313 8.65 12.13 -11.06
CA PRO A 313 9.81 11.23 -11.05
C PRO A 313 9.77 10.41 -9.79
N VAL A 314 10.52 9.31 -9.75
CA VAL A 314 10.55 8.47 -8.57
C VAL A 314 11.85 8.80 -7.81
N ALA A 315 11.86 8.52 -6.52
CA ALA A 315 13.04 8.81 -5.71
C ALA A 315 13.91 7.58 -5.48
N VAL A 316 15.20 7.76 -5.69
CA VAL A 316 16.21 6.72 -5.50
C VAL A 316 17.53 7.43 -5.14
N1 UMP B . 6.37 4.54 0.97
C2 UMP B . 5.18 5.15 1.21
N3 UMP B . 4.06 4.32 1.25
C4 UMP B . 4.08 2.93 1.05
C5 UMP B . 5.40 2.39 0.81
C6 UMP B . 6.50 3.25 0.79
O2 UMP B . 5.07 6.35 1.39
O4 UMP B . 3.05 2.25 1.07
C1' UMP B . 7.60 5.34 0.83
C2' UMP B . 8.06 6.13 2.05
C3' UMP B . 9.50 6.47 1.70
C4' UMP B . 10.11 5.19 1.12
O3' UMP B . 9.42 7.46 0.70
O4' UMP B . 8.87 4.61 0.48
C5' UMP B . 10.56 4.24 2.23
O5' UMP B . 11.73 4.82 2.84
P UMP B . 12.35 4.21 4.15
OP1 UMP B . 13.67 4.85 4.33
OP2 UMP B . 11.47 4.60 5.26
OP3 UMP B . 12.49 2.73 4.14
#